data_7AX7
#
_entry.id   7AX7
#
_cell.length_a   40.130
_cell.length_b   59.700
_cell.length_c   86.100
_cell.angle_alpha   90.000
_cell.angle_beta   90.000
_cell.angle_gamma   90.000
#
_symmetry.space_group_name_H-M   'P 21 21 21'
#
loop_
_entity.id
_entity.type
_entity.pdbx_description
1 polymer Endo-1,4-beta-xylanase
2 non-polymer 'COBALT (II) ION'
3 non-polymer 'ACETATE ION'
4 water water
#
_entity_poly.entity_id   1
_entity_poly.type   'polypeptide(L)'
_entity_poly.pdbx_seq_one_letter_code
;GNEKLIALTFDDGPSSTTSDVLDILERYGVKATFFLIGQNVNSNTLSIMQRQVRMGCELASHSYTHQDMTNMSAQNIRNE
MEWTSSAIKNSVGVDVKFFRPPYIAVNNTMYQNIDYPFIQGTLINDSENSTSVQQRVNNALGAAKDGQIILLHDFQGNSQ
TVQALPQIIEGLKNQGYTFVTVSELFEKKGVNPNVEYKIWSNANGQHHHHHH
;
_entity_poly.pdbx_strand_id   A
#
# COMPACT_ATOMS: atom_id res chain seq x y z
N ASN A 2 -21.28 9.84 9.25
CA ASN A 2 -21.00 10.43 7.92
C ASN A 2 -19.51 10.54 7.61
N GLU A 3 -18.68 9.79 8.35
CA GLU A 3 -17.25 9.71 8.07
C GLU A 3 -17.00 9.31 6.62
N LYS A 4 -16.02 9.96 5.99
CA LYS A 4 -15.61 9.66 4.62
C LYS A 4 -14.17 9.18 4.66
N LEU A 5 -13.96 7.92 4.28
CA LEU A 5 -12.69 7.24 4.53
C LEU A 5 -11.85 7.18 3.27
N ILE A 6 -10.55 7.43 3.42
CA ILE A 6 -9.57 7.28 2.36
C ILE A 6 -8.40 6.45 2.88
N ALA A 7 -7.92 5.54 2.05
CA ALA A 7 -6.80 4.67 2.41
C ALA A 7 -5.64 5.01 1.48
N LEU A 8 -4.74 5.87 1.96
CA LEU A 8 -3.50 6.14 1.24
C LEU A 8 -2.56 4.94 1.38
N THR A 9 -1.99 4.48 0.26
CA THR A 9 -1.19 3.27 0.28
C THR A 9 0.05 3.46 -0.59
N PHE A 10 1.13 2.78 -0.21
CA PHE A 10 2.43 2.96 -0.83
C PHE A 10 3.04 1.61 -1.17
N ASP A 11 3.46 1.47 -2.43
CA ASP A 11 4.11 0.26 -2.96
C ASP A 11 5.62 0.43 -3.09
N ASP A 12 6.35 -0.67 -2.86
CA ASP A 12 7.71 -0.92 -3.33
C ASP A 12 8.79 -0.64 -2.29
N GLY A 13 8.43 -0.20 -1.09
CA GLY A 13 9.43 0.00 -0.04
C GLY A 13 9.72 -1.26 0.76
N PRO A 14 10.37 -1.10 1.92
CA PRO A 14 10.86 0.20 2.40
C PRO A 14 12.08 0.66 1.62
N SER A 15 12.24 1.98 1.53
CA SER A 15 13.43 2.61 0.97
C SER A 15 13.73 3.84 1.82
N SER A 16 14.87 4.48 1.54
CA SER A 16 15.18 5.70 2.25
C SER A 16 14.13 6.77 1.97
N THR A 17 13.51 6.72 0.78
CA THR A 17 12.44 7.66 0.48
C THR A 17 11.27 7.46 1.45
N THR A 18 11.01 6.21 1.84
CA THR A 18 9.98 5.93 2.84
C THR A 18 10.09 6.86 4.04
N SER A 19 11.32 7.10 4.53
CA SER A 19 11.48 7.94 5.72
C SER A 19 10.94 9.35 5.49
N ASP A 20 11.08 9.86 4.26
CA ASP A 20 10.53 11.18 3.96
C ASP A 20 9.01 11.13 3.91
N VAL A 21 8.44 10.03 3.39
CA VAL A 21 6.99 9.88 3.44
C VAL A 21 6.52 9.87 4.89
N LEU A 22 7.22 9.14 5.75
CA LEU A 22 6.83 9.04 7.16
C LEU A 22 6.89 10.39 7.85
N ASP A 23 7.95 11.16 7.60
CA ASP A 23 8.05 12.50 8.16
C ASP A 23 6.79 13.30 7.90
N ILE A 24 6.28 13.20 6.66
CA ILE A 24 5.09 13.97 6.28
C ILE A 24 3.84 13.38 6.94
N LEU A 25 3.68 12.06 6.89
CA LEU A 25 2.55 11.43 7.56
C LEU A 25 2.54 11.78 9.04
N GLU A 26 3.70 11.76 9.69
CA GLU A 26 3.74 12.11 11.11
C GLU A 26 3.34 13.57 11.34
N ARG A 27 3.83 14.47 10.46
CA ARG A 27 3.53 15.89 10.62
C ARG A 27 2.02 16.13 10.62
N TYR A 28 1.30 15.44 9.73
CA TYR A 28 -0.16 15.59 9.60
C TYR A 28 -0.96 14.62 10.45
N GLY A 29 -0.31 13.76 11.24
CA GLY A 29 -1.05 12.82 12.06
C GLY A 29 -1.86 11.82 11.26
N VAL A 30 -1.31 11.34 10.15
CA VAL A 30 -2.00 10.50 9.20
C VAL A 30 -1.35 9.13 9.15
N LYS A 31 -2.16 8.09 9.09
CA LYS A 31 -1.66 6.73 8.90
C LYS A 31 -1.84 6.30 7.45
N ALA A 32 -0.99 5.38 7.01
CA ALA A 32 -1.04 4.84 5.65
C ALA A 32 -0.73 3.35 5.71
N THR A 33 -0.82 2.69 4.56
CA THR A 33 -0.52 1.27 4.43
C THR A 33 0.63 1.12 3.43
N PHE A 34 1.63 0.33 3.80
CA PHE A 34 2.82 0.12 2.98
C PHE A 34 2.87 -1.34 2.56
N PHE A 35 2.71 -1.58 1.27
CA PHE A 35 2.85 -2.91 0.68
C PHE A 35 4.32 -3.13 0.36
N LEU A 36 4.96 -3.98 1.15
CA LEU A 36 6.41 -4.09 1.10
C LEU A 36 6.84 -5.20 0.16
N ILE A 37 7.97 -4.98 -0.48
CA ILE A 37 8.68 -6.01 -1.23
C ILE A 37 9.54 -6.79 -0.23
N GLY A 38 9.34 -8.11 -0.18
CA GLY A 38 10.00 -8.91 0.84
C GLY A 38 11.52 -8.79 0.84
N GLN A 39 12.13 -8.75 -0.35
CA GLN A 39 13.60 -8.66 -0.36
C GLN A 39 14.10 -7.29 0.09
N ASN A 40 13.22 -6.30 0.22
CA ASN A 40 13.59 -5.02 0.82
C ASN A 40 13.48 -5.03 2.34
N VAL A 41 13.06 -6.13 2.95
CA VAL A 41 12.98 -6.26 4.40
C VAL A 41 14.31 -6.85 4.87
N ASN A 42 15.17 -6.01 5.43
CA ASN A 42 16.50 -6.44 5.83
C ASN A 42 17.04 -5.48 6.89
N SER A 43 18.29 -5.71 7.32
CA SER A 43 18.86 -4.87 8.38
C SER A 43 19.01 -3.42 7.94
N ASN A 44 19.11 -3.16 6.63
CA ASN A 44 19.18 -1.78 6.15
C ASN A 44 17.84 -1.05 6.30
N THR A 45 16.73 -1.76 6.30
CA THR A 45 15.42 -1.13 6.37
C THR A 45 14.72 -1.34 7.72
N LEU A 46 15.35 -2.07 8.64
CA LEU A 46 14.73 -2.38 9.93
C LEU A 46 14.20 -1.14 10.64
N SER A 47 15.04 -0.12 10.78
CA SER A 47 14.65 1.02 11.58
C SER A 47 13.46 1.74 10.95
N ILE A 48 13.34 1.70 9.62
CA ILE A 48 12.20 2.31 8.94
C ILE A 48 10.93 1.52 9.24
N MET A 49 11.02 0.18 9.13
CA MET A 49 9.86 -0.65 9.44
C MET A 49 9.46 -0.53 10.91
N GLN A 50 10.45 -0.42 11.82
CA GLN A 50 10.11 -0.21 13.22
C GLN A 50 9.32 1.09 13.40
N ARG A 51 9.76 2.16 12.72
CA ARG A 51 9.06 3.43 12.81
C ARG A 51 7.66 3.34 12.17
N GLN A 52 7.52 2.61 11.07
CA GLN A 52 6.20 2.39 10.51
C GLN A 52 5.26 1.79 11.54
N VAL A 53 5.73 0.75 12.26
CA VAL A 53 4.88 0.15 13.27
C VAL A 53 4.61 1.12 14.41
N ARG A 54 5.62 1.87 14.85
CA ARG A 54 5.40 2.85 15.93
C ARG A 54 4.30 3.84 15.56
N MET A 55 4.26 4.28 14.31
CA MET A 55 3.28 5.25 13.87
C MET A 55 1.93 4.63 13.52
N GLY A 56 1.76 3.33 13.75
CA GLY A 56 0.50 2.71 13.42
C GLY A 56 0.21 2.61 11.94
N CYS A 57 1.24 2.68 11.10
CA CYS A 57 1.06 2.42 9.68
C CYS A 57 1.02 0.92 9.47
N GLU A 58 0.14 0.47 8.58
CA GLU A 58 -0.05 -0.95 8.34
C GLU A 58 0.97 -1.46 7.34
N LEU A 59 1.53 -2.63 7.62
CA LEU A 59 2.45 -3.29 6.69
C LEU A 59 1.72 -4.44 5.99
N ALA A 60 1.85 -4.49 4.66
CA ALA A 60 1.18 -5.47 3.81
C ALA A 60 2.19 -6.04 2.81
N SER A 61 1.74 -7.00 2.01
CA SER A 61 2.62 -7.79 1.14
C SER A 61 2.58 -7.28 -0.29
N HIS A 62 3.75 -7.08 -0.89
CA HIS A 62 3.88 -6.80 -2.31
C HIS A 62 4.73 -7.86 -3.02
N SER A 63 4.73 -9.08 -2.49
CA SER A 63 5.55 -10.22 -2.93
C SER A 63 6.98 -10.13 -2.41
N TYR A 64 7.81 -11.14 -2.69
CA TYR A 64 9.19 -11.14 -2.22
C TYR A 64 10.18 -10.53 -3.22
N THR A 65 10.07 -10.87 -4.51
CA THR A 65 11.02 -10.41 -5.53
C THR A 65 10.42 -9.38 -6.47
N HIS A 66 9.13 -9.07 -6.34
CA HIS A 66 8.48 -8.07 -7.18
C HIS A 66 8.64 -8.39 -8.67
N GLN A 67 8.35 -9.62 -9.04
CA GLN A 67 8.28 -10.00 -10.44
C GLN A 67 6.83 -10.13 -10.87
N ASP A 68 6.61 -10.21 -12.18
CA ASP A 68 5.29 -10.47 -12.73
C ASP A 68 4.88 -11.89 -12.36
N MET A 69 3.96 -12.02 -11.42
CA MET A 69 3.63 -13.33 -10.88
C MET A 69 2.66 -14.11 -11.76
N THR A 70 2.19 -13.53 -12.85
CA THR A 70 1.46 -14.35 -13.83
C THR A 70 2.39 -15.28 -14.58
N ASN A 71 3.70 -15.12 -14.45
CA ASN A 71 4.65 -16.02 -15.10
C ASN A 71 5.31 -16.99 -14.12
N MET A 72 4.67 -17.23 -12.97
CA MET A 72 5.24 -18.04 -11.90
C MET A 72 4.39 -19.28 -11.62
N SER A 73 5.07 -20.34 -11.21
CA SER A 73 4.36 -21.56 -10.82
C SER A 73 3.63 -21.34 -9.49
N ALA A 74 2.64 -22.19 -9.24
CA ALA A 74 1.89 -22.12 -7.98
C ALA A 74 2.82 -22.18 -6.78
N GLN A 75 3.77 -23.11 -6.80
CA GLN A 75 4.69 -23.30 -5.68
C GLN A 75 5.50 -22.03 -5.43
N ASN A 76 6.04 -21.45 -6.50
CA ASN A 76 6.87 -20.26 -6.34
C ASN A 76 6.05 -19.08 -5.84
N ILE A 77 4.82 -18.93 -6.33
CA ILE A 77 3.92 -17.92 -5.78
C ILE A 77 3.76 -18.11 -4.27
N ARG A 78 3.47 -19.34 -3.84
CA ARG A 78 3.27 -19.57 -2.41
C ARG A 78 4.53 -19.25 -1.60
N ASN A 79 5.70 -19.65 -2.10
CA ASN A 79 6.94 -19.32 -1.41
C ASN A 79 7.13 -17.82 -1.28
N GLU A 80 6.90 -17.07 -2.37
CA GLU A 80 7.02 -15.62 -2.32
C GLU A 80 6.14 -15.04 -1.20
N MET A 81 4.88 -15.48 -1.12
CA MET A 81 3.98 -14.94 -0.11
C MET A 81 4.43 -15.31 1.30
N GLU A 82 4.70 -16.60 1.53
CA GLU A 82 5.13 -17.03 2.86
C GLU A 82 6.41 -16.32 3.31
N TRP A 83 7.40 -16.23 2.42
CA TRP A 83 8.65 -15.57 2.81
C TRP A 83 8.43 -14.09 3.10
N THR A 84 7.51 -13.43 2.39
CA THR A 84 7.27 -12.02 2.65
C THR A 84 6.58 -11.82 4.00
N SER A 85 5.53 -12.60 4.26
CA SER A 85 4.81 -12.48 5.53
C SER A 85 5.71 -12.83 6.71
N SER A 86 6.51 -13.90 6.59
CA SER A 86 7.34 -14.28 7.73
C SER A 86 8.50 -13.30 7.93
N ALA A 87 9.03 -12.70 6.85
CA ALA A 87 10.03 -11.64 7.01
C ALA A 87 9.46 -10.45 7.79
N ILE A 88 8.22 -10.07 7.50
CA ILE A 88 7.61 -8.93 8.19
C ILE A 88 7.25 -9.30 9.63
N LYS A 89 6.74 -10.53 9.84
CA LYS A 89 6.40 -10.97 11.19
C LYS A 89 7.64 -11.11 12.06
N ASN A 90 8.68 -11.75 11.52
CA ASN A 90 9.88 -12.02 12.30
C ASN A 90 10.75 -10.79 12.50
N SER A 91 10.58 -9.75 11.68
CA SER A 91 11.39 -8.55 11.85
C SER A 91 10.76 -7.58 12.85
N VAL A 92 9.49 -7.24 12.67
CA VAL A 92 8.89 -6.21 13.51
C VAL A 92 7.54 -6.64 14.08
N GLY A 93 7.21 -7.93 13.97
CA GLY A 93 6.15 -8.51 14.78
C GLY A 93 4.73 -8.27 14.32
N VAL A 94 4.48 -7.87 13.08
CA VAL A 94 3.12 -7.62 12.62
C VAL A 94 2.75 -8.63 11.55
N ASP A 95 1.45 -8.86 11.44
CA ASP A 95 0.87 -9.88 10.59
C ASP A 95 0.30 -9.24 9.33
N VAL A 96 0.86 -9.60 8.18
CA VAL A 96 0.31 -9.17 6.91
C VAL A 96 -1.17 -9.56 6.83
N LYS A 97 -2.00 -8.62 6.37
CA LYS A 97 -3.40 -8.92 6.13
C LYS A 97 -3.82 -8.74 4.67
N PHE A 98 -3.00 -8.07 3.86
CA PHE A 98 -3.38 -7.74 2.49
C PHE A 98 -2.20 -7.97 1.56
N PHE A 99 -2.54 -8.24 0.29
CA PHE A 99 -1.58 -8.43 -0.79
C PHE A 99 -1.93 -7.48 -1.93
N ARG A 100 -0.91 -6.87 -2.51
CA ARG A 100 -1.10 -6.12 -3.76
C ARG A 100 -0.19 -6.70 -4.83
N PRO A 101 -0.74 -7.16 -5.95
CA PRO A 101 0.08 -7.83 -6.97
C PRO A 101 1.03 -6.87 -7.66
N PRO A 102 2.29 -7.26 -7.84
CA PRO A 102 3.23 -6.42 -8.60
C PRO A 102 2.69 -6.16 -10.00
N TYR A 103 2.79 -4.90 -10.43
CA TYR A 103 2.31 -4.44 -11.73
C TYR A 103 0.80 -4.60 -11.89
N ILE A 104 0.09 -4.91 -10.81
CA ILE A 104 -1.32 -5.27 -10.89
C ILE A 104 -1.47 -6.31 -11.99
N ALA A 105 -0.52 -7.24 -12.07
CA ALA A 105 -0.61 -8.38 -12.98
C ALA A 105 -1.11 -9.58 -12.19
N VAL A 106 -2.32 -10.04 -12.51
CA VAL A 106 -2.97 -11.13 -11.80
C VAL A 106 -3.59 -12.09 -12.79
N ASN A 107 -3.51 -13.39 -12.50
CA ASN A 107 -4.12 -14.45 -13.31
C ASN A 107 -4.78 -15.47 -12.37
N ASN A 108 -5.38 -16.52 -12.95
CA ASN A 108 -6.07 -17.52 -12.14
C ASN A 108 -5.11 -18.18 -11.15
N THR A 109 -3.90 -18.52 -11.59
CA THR A 109 -2.97 -19.23 -10.72
C THR A 109 -2.69 -18.44 -9.45
N MET A 110 -2.50 -17.11 -9.56
CA MET A 110 -2.29 -16.29 -8.37
C MET A 110 -3.49 -16.34 -7.44
N TYR A 111 -4.71 -16.12 -7.98
CA TYR A 111 -5.90 -16.16 -7.13
C TYR A 111 -6.07 -17.50 -6.43
N GLN A 112 -5.68 -18.60 -7.08
CA GLN A 112 -5.81 -19.93 -6.49
C GLN A 112 -4.79 -20.18 -5.39
N ASN A 113 -3.70 -19.42 -5.35
CA ASN A 113 -2.57 -19.77 -4.51
C ASN A 113 -2.14 -18.63 -3.59
N ILE A 114 -2.98 -17.62 -3.41
CA ILE A 114 -2.72 -16.51 -2.50
C ILE A 114 -3.91 -16.39 -1.57
N ASP A 115 -3.66 -16.46 -0.27
CA ASP A 115 -4.66 -16.55 0.79
C ASP A 115 -5.01 -15.20 1.41
N TYR A 116 -4.47 -14.12 0.88
CA TYR A 116 -4.83 -12.79 1.37
C TYR A 116 -5.77 -12.10 0.40
N PRO A 117 -6.60 -11.19 0.90
CA PRO A 117 -7.38 -10.34 -0.02
C PRO A 117 -6.44 -9.55 -0.94
N PHE A 118 -6.84 -9.49 -2.21
CA PHE A 118 -6.12 -8.70 -3.22
C PHE A 118 -6.57 -7.25 -3.18
N ILE A 119 -5.61 -6.33 -3.22
CA ILE A 119 -5.88 -4.90 -3.23
C ILE A 119 -5.34 -4.29 -4.52
N GLN A 120 -6.17 -3.51 -5.19
CA GLN A 120 -5.66 -2.69 -6.28
C GLN A 120 -5.69 -1.22 -5.87
N GLY A 121 -6.84 -0.55 -6.01
CA GLY A 121 -6.93 0.87 -5.71
C GLY A 121 -6.71 1.70 -6.96
N THR A 122 -6.87 3.01 -6.83
CA THR A 122 -6.73 3.91 -7.97
C THR A 122 -5.28 4.34 -8.12
N LEU A 123 -4.70 4.10 -9.30
CA LEU A 123 -3.34 4.54 -9.57
C LEU A 123 -3.31 6.04 -9.82
N ILE A 124 -2.23 6.68 -9.39
CA ILE A 124 -2.00 8.08 -9.69
C ILE A 124 -0.80 8.27 -10.61
N ASN A 125 -0.29 7.18 -11.19
CA ASN A 125 0.79 7.22 -12.18
C ASN A 125 2.04 7.91 -11.62
N ASP A 126 2.36 7.64 -10.36
CA ASP A 126 3.55 8.22 -9.73
C ASP A 126 4.74 7.26 -9.75
N SER A 127 4.81 6.41 -10.77
CA SER A 127 5.99 5.59 -10.99
C SER A 127 6.91 6.14 -12.06
N GLU A 128 6.43 7.08 -12.87
CA GLU A 128 7.18 7.68 -13.96
C GLU A 128 7.52 9.12 -13.61
N ASN A 129 8.79 9.50 -13.78
CA ASN A 129 9.22 10.85 -13.44
C ASN A 129 8.52 11.91 -14.29
N SER A 130 8.10 11.55 -15.51
CA SER A 130 7.41 12.49 -16.37
C SER A 130 6.04 12.90 -15.83
N THR A 131 5.53 12.23 -14.80
CA THR A 131 4.34 12.70 -14.10
C THR A 131 4.78 13.69 -13.04
N SER A 132 4.38 14.95 -13.20
CA SER A 132 4.86 16.02 -12.36
C SER A 132 4.34 15.89 -10.93
N VAL A 133 4.97 16.64 -10.03
CA VAL A 133 4.42 16.81 -8.68
C VAL A 133 2.94 17.13 -8.73
N GLN A 134 2.57 18.20 -9.45
CA GLN A 134 1.20 18.69 -9.44
C GLN A 134 0.24 17.72 -10.14
N GLN A 135 0.69 17.02 -11.17
CA GLN A 135 -0.14 15.96 -11.73
C GLN A 135 -0.44 14.91 -10.66
N ARG A 136 0.56 14.55 -9.87
CA ARG A 136 0.36 13.57 -8.80
C ARG A 136 -0.66 14.08 -7.78
N VAL A 137 -0.52 15.34 -7.37
CA VAL A 137 -1.49 15.96 -6.47
C VAL A 137 -2.89 15.84 -7.05
N ASN A 138 -3.08 16.31 -8.28
CA ASN A 138 -4.42 16.37 -8.86
C ASN A 138 -5.00 14.97 -9.09
N ASN A 139 -4.16 14.01 -9.49
CA ASN A 139 -4.66 12.66 -9.68
C ASN A 139 -5.16 12.05 -8.36
N ALA A 140 -4.43 12.29 -7.27
CA ALA A 140 -4.85 11.79 -5.97
C ALA A 140 -6.15 12.45 -5.52
N LEU A 141 -6.23 13.78 -5.65
CA LEU A 141 -7.44 14.49 -5.23
C LEU A 141 -8.64 14.09 -6.09
N GLY A 142 -8.42 13.84 -7.39
CA GLY A 142 -9.50 13.44 -8.26
C GLY A 142 -9.94 12.00 -8.09
N ALA A 143 -9.09 11.15 -7.50
CA ALA A 143 -9.44 9.76 -7.28
C ALA A 143 -10.20 9.55 -5.98
N ALA A 144 -10.19 10.53 -5.09
CA ALA A 144 -10.76 10.36 -3.77
C ALA A 144 -12.27 10.22 -3.86
N LYS A 145 -12.80 9.21 -3.18
CA LYS A 145 -14.19 9.16 -2.81
C LYS A 145 -14.27 8.28 -1.58
N ASP A 146 -15.40 8.38 -0.88
CA ASP A 146 -15.61 7.61 0.34
C ASP A 146 -15.30 6.13 0.10
N GLY A 147 -14.41 5.57 0.92
CA GLY A 147 -14.06 4.17 0.85
C GLY A 147 -12.96 3.79 -0.11
N GLN A 148 -12.35 4.77 -0.79
CA GLN A 148 -11.42 4.49 -1.88
C GLN A 148 -10.00 4.24 -1.38
N ILE A 149 -9.32 3.31 -2.03
CA ILE A 149 -7.92 3.02 -1.81
C ILE A 149 -7.14 3.72 -2.91
N ILE A 150 -6.07 4.42 -2.54
CA ILE A 150 -5.25 5.18 -3.49
C ILE A 150 -3.84 4.62 -3.47
N LEU A 151 -3.31 4.34 -4.66
CA LEU A 151 -2.02 3.65 -4.82
C LEU A 151 -0.95 4.68 -5.19
N LEU A 152 0.05 4.81 -4.31
CA LEU A 152 1.26 5.60 -4.54
C LEU A 152 2.47 4.67 -4.43
N HIS A 153 3.67 5.20 -4.71
CA HIS A 153 4.91 4.42 -4.62
C HIS A 153 5.93 5.11 -3.74
N ASP A 154 6.63 4.33 -2.91
CA ASP A 154 7.77 4.83 -2.15
C ASP A 154 9.02 4.01 -2.44
N PHE A 155 9.23 3.65 -3.70
CA PHE A 155 10.53 3.11 -4.09
C PHE A 155 11.60 4.21 -3.94
N GLN A 156 12.86 3.78 -3.84
CA GLN A 156 13.95 4.72 -3.64
C GLN A 156 13.96 5.77 -4.75
N GLY A 157 14.05 7.04 -4.35
CA GLY A 157 14.19 8.12 -5.32
C GLY A 157 12.90 8.76 -5.78
N ASN A 158 11.75 8.28 -5.34
CA ASN A 158 10.46 8.84 -5.81
C ASN A 158 10.13 10.14 -5.08
N SER A 159 11.05 11.10 -5.20
CA SER A 159 10.92 12.35 -4.46
C SER A 159 9.76 13.21 -4.98
N GLN A 160 9.29 13.01 -6.21
CA GLN A 160 8.18 13.83 -6.67
C GLN A 160 6.87 13.48 -5.96
N THR A 161 6.74 12.23 -5.51
CA THR A 161 5.59 11.87 -4.68
C THR A 161 5.74 12.43 -3.27
N VAL A 162 6.98 12.43 -2.75
CA VAL A 162 7.24 13.11 -1.48
C VAL A 162 6.84 14.59 -1.59
N GLN A 163 7.21 15.25 -2.68
CA GLN A 163 6.82 16.64 -2.87
C GLN A 163 5.31 16.80 -2.94
N ALA A 164 4.64 15.84 -3.57
CA ALA A 164 3.19 15.92 -3.78
C ALA A 164 2.40 15.64 -2.50
N LEU A 165 2.94 14.84 -1.60
CA LEU A 165 2.12 14.33 -0.51
C LEU A 165 1.53 15.42 0.41
N PRO A 166 2.23 16.49 0.77
CA PRO A 166 1.59 17.48 1.65
C PRO A 166 0.32 18.08 1.08
N GLN A 167 0.32 18.48 -0.20
CA GLN A 167 -0.90 19.00 -0.82
C GLN A 167 -2.01 17.95 -0.82
N ILE A 168 -1.65 16.70 -1.07
CA ILE A 168 -2.66 15.64 -1.12
C ILE A 168 -3.36 15.52 0.23
N ILE A 169 -2.58 15.44 1.32
CA ILE A 169 -3.18 15.26 2.64
C ILE A 169 -4.00 16.48 3.01
N GLU A 170 -3.39 17.67 2.91
CA GLU A 170 -4.09 18.91 3.22
C GLU A 170 -5.38 19.03 2.43
N GLY A 171 -5.35 18.65 1.15
CA GLY A 171 -6.51 18.81 0.30
C GLY A 171 -7.63 17.84 0.62
N LEU A 172 -7.27 16.61 0.98
CA LEU A 172 -8.30 15.62 1.29
C LEU A 172 -8.97 15.95 2.63
N LYS A 173 -8.18 16.38 3.63
CA LYS A 173 -8.78 16.86 4.87
C LYS A 173 -9.72 18.03 4.61
N ASN A 174 -9.29 18.97 3.75
CA ASN A 174 -10.13 20.10 3.39
C ASN A 174 -11.46 19.65 2.78
N GLN A 175 -11.48 18.46 2.17
CA GLN A 175 -12.69 17.91 1.57
C GLN A 175 -13.45 17.01 2.54
N GLY A 176 -12.99 16.88 3.78
CA GLY A 176 -13.71 16.13 4.80
C GLY A 176 -13.34 14.67 4.90
N TYR A 177 -12.25 14.23 4.28
CA TYR A 177 -11.86 12.83 4.35
C TYR A 177 -11.07 12.54 5.62
N THR A 178 -11.16 11.29 6.07
CA THR A 178 -10.44 10.77 7.20
C THR A 178 -9.53 9.66 6.71
N PHE A 179 -8.26 9.69 7.10
CA PHE A 179 -7.29 8.72 6.59
C PHE A 179 -7.28 7.48 7.48
N VAL A 180 -7.28 6.31 6.84
CA VAL A 180 -7.31 5.03 7.53
C VAL A 180 -6.35 4.07 6.84
N THR A 181 -5.89 3.07 7.60
CA THR A 181 -5.21 1.94 6.98
C THR A 181 -6.23 1.08 6.23
N VAL A 182 -5.72 0.16 5.41
CA VAL A 182 -6.61 -0.75 4.69
C VAL A 182 -7.38 -1.63 5.67
N SER A 183 -6.71 -2.16 6.71
CA SER A 183 -7.43 -2.90 7.75
C SER A 183 -8.51 -2.03 8.38
N GLU A 184 -8.16 -0.79 8.75
CA GLU A 184 -9.14 0.09 9.36
C GLU A 184 -10.28 0.40 8.39
N LEU A 185 -9.96 0.54 7.10
CA LEU A 185 -11.00 0.80 6.11
C LEU A 185 -12.09 -0.26 6.13
N PHE A 186 -11.69 -1.53 6.05
CA PHE A 186 -12.69 -2.60 6.04
C PHE A 186 -13.37 -2.72 7.40
N GLU A 187 -12.60 -2.64 8.49
CA GLU A 187 -13.19 -2.72 9.82
C GLU A 187 -14.29 -1.68 9.99
N LYS A 188 -14.01 -0.42 9.63
CA LYS A 188 -14.94 0.66 9.93
C LYS A 188 -16.16 0.64 9.01
N LYS A 189 -16.02 0.10 7.79
CA LYS A 189 -17.18 -0.04 6.92
C LYS A 189 -17.96 -1.32 7.20
N GLY A 190 -17.48 -2.18 8.11
CA GLY A 190 -18.17 -3.43 8.37
C GLY A 190 -18.20 -4.37 7.18
N VAL A 191 -17.11 -4.42 6.42
CA VAL A 191 -17.03 -5.23 5.20
C VAL A 191 -15.96 -6.29 5.41
N ASN A 192 -16.27 -7.54 5.04
CA ASN A 192 -15.35 -8.66 5.06
C ASN A 192 -14.47 -8.62 3.82
N PRO A 193 -13.18 -8.30 3.96
CA PRO A 193 -12.30 -8.27 2.79
C PRO A 193 -11.93 -9.65 2.30
N ASN A 194 -12.12 -10.67 3.12
CA ASN A 194 -11.56 -11.99 2.83
C ASN A 194 -12.52 -12.74 1.92
N VAL A 195 -12.59 -12.25 0.69
CA VAL A 195 -13.35 -12.85 -0.39
C VAL A 195 -12.34 -13.34 -1.41
N GLU A 196 -12.36 -14.64 -1.71
CA GLU A 196 -11.43 -15.18 -2.68
C GLU A 196 -11.81 -14.72 -4.09
N TYR A 197 -10.81 -14.71 -4.97
CA TYR A 197 -11.03 -14.44 -6.39
C TYR A 197 -11.58 -13.03 -6.61
N LYS A 198 -11.22 -12.10 -5.72
CA LYS A 198 -11.66 -10.71 -5.79
C LYS A 198 -10.46 -9.79 -5.60
N ILE A 199 -10.47 -8.66 -6.28
CA ILE A 199 -9.48 -7.62 -6.05
C ILE A 199 -10.19 -6.31 -5.76
N TRP A 200 -9.83 -5.67 -4.64
CA TRP A 200 -10.56 -4.54 -4.09
C TRP A 200 -9.89 -3.22 -4.43
N SER A 201 -10.69 -2.23 -4.82
CA SER A 201 -10.25 -0.83 -4.87
C SER A 201 -11.03 0.08 -3.94
N ASN A 202 -12.17 -0.38 -3.44
CA ASN A 202 -13.04 0.41 -2.56
C ASN A 202 -13.73 -0.58 -1.64
N ALA A 203 -13.87 -0.21 -0.37
CA ALA A 203 -14.54 -1.11 0.57
C ALA A 203 -15.92 -1.55 0.07
N ASN A 204 -16.54 -0.84 -0.88
CA ASN A 204 -17.82 -1.27 -1.43
C ASN A 204 -17.70 -2.37 -2.49
N GLY A 205 -16.48 -2.70 -2.92
CA GLY A 205 -16.25 -3.85 -3.78
C GLY A 205 -16.80 -3.77 -5.18
N GLN A 206 -17.19 -2.59 -5.65
CA GLN A 206 -17.80 -2.47 -6.97
C GLN A 206 -16.77 -2.27 -8.09
#